data_2FBZ
#
_entry.id   2FBZ
#
_cell.length_a   79.995
_cell.length_b   93.503
_cell.length_c   62.769
_cell.angle_alpha   90.00
_cell.angle_beta   90.00
_cell.angle_gamma   90.00
#
_symmetry.space_group_name_H-M   'P 21 21 2'
#
loop_
_entity.id
_entity.type
_entity.pdbx_description
1 polymer 'Nitric oxide synthase oxygenase'
2 non-polymer 'PROTOPORPHYRIN IX CONTAINING FE'
3 non-polymer 2-AMINO-6-(1,2-DIHYDROXY-PROPYL)-7,8-DIHYDRO-6H-PTERIDIN-4-ONE
4 non-polymer 'NITRIC OXIDE'
5 non-polymer N-OMEGA-HYDROXY-L-ARGININE
6 water water
#
_entity_poly.entity_id   1
_entity_poly.type   'polypeptide(L)'
_entity_poly.pdbx_seq_one_letter_code
;GSHMEILWNEAKAFIAECYQELGKEEEVKDRLDSIKSEIDRTGSYVHTKEELEHGAKMAWRNSNRCIGRLFWNSLNVIDR
RDVRTKEDVRDALFHHIETATNNGKIRPSITIFPPEEKGEKQVEIWNHQLIRYAGYESDGERIGDPASRSLTAACEQLGW
RGERTDFDLLPLIFRMRGDEQPVWYELPRSLVIEVPITHPDIEAFSDLELKWYGVPIISDMKLEVGGIHYNAAPFNGWYM
GTEIGARNLADEKRYDKLKKVASVIGISTNYNTDLWKDQALVELNKAVLYSYKKQGVSIVDHHTAASQFKRFEEQEEEAG
RKLTGDWTWLIPPISPAATHIFHRSYDNSIVKPNYFYQDKPYE
;
_entity_poly.pdbx_strand_id   X
#
loop_
_chem_comp.id
_chem_comp.type
_chem_comp.name
_chem_comp.formula
H2B non-polymer 2-AMINO-6-(1,2-DIHYDROXY-PROPYL)-7,8-DIHYDRO-6H-PTERIDIN-4-ONE 'C9 H13 N5 O3'
HEM non-polymer 'PROTOPORPHYRIN IX CONTAINING FE' 'C34 H32 Fe N4 O4'
NO non-polymer 'NITRIC OXIDE' 'N O'
#
# COMPACT_ATOMS: atom_id res chain seq x y z
N GLY A 1 29.76 -14.70 -5.08
CA GLY A 1 31.01 -13.94 -4.74
C GLY A 1 30.71 -12.53 -4.26
N SER A 2 30.17 -11.71 -5.15
CA SER A 2 29.83 -10.32 -4.82
C SER A 2 28.50 -10.23 -4.07
N HIS A 3 27.61 -11.17 -4.33
CA HIS A 3 26.30 -11.22 -3.67
C HIS A 3 26.44 -11.54 -2.18
N MET A 4 27.42 -12.38 -1.85
CA MET A 4 27.68 -12.78 -0.48
C MET A 4 28.48 -11.69 0.26
N GLU A 5 28.82 -10.62 -0.47
CA GLU A 5 29.57 -9.50 0.08
C GLU A 5 28.62 -8.33 0.39
N ILE A 6 27.62 -8.13 -0.47
CA ILE A 6 26.63 -7.06 -0.29
C ILE A 6 25.68 -7.39 0.88
N LEU A 7 25.32 -8.67 0.97
CA LEU A 7 24.43 -9.20 2.01
C LEU A 7 24.95 -8.95 3.43
N TRP A 8 26.21 -9.31 3.65
CA TRP A 8 26.92 -9.18 4.93
C TRP A 8 27.05 -7.71 5.33
N ASN A 9 27.33 -6.85 4.35
CA ASN A 9 27.48 -5.42 4.59
C ASN A 9 26.18 -4.78 5.04
N GLU A 10 25.09 -5.15 4.37
CA GLU A 10 23.76 -4.63 4.71
C GLU A 10 23.28 -5.19 6.03
N ALA A 11 23.72 -6.40 6.36
CA ALA A 11 23.35 -7.06 7.60
C ALA A 11 23.99 -6.36 8.81
N LYS A 12 25.27 -6.03 8.68
CA LYS A 12 25.99 -5.34 9.77
C LYS A 12 25.33 -3.99 10.05
N ALA A 13 25.01 -3.26 8.99
CA ALA A 13 24.39 -1.96 9.15
C ALA A 13 23.02 -2.04 9.81
N PHE A 14 22.22 -3.03 9.39
CA PHE A 14 20.89 -3.21 9.95
C PHE A 14 20.84 -3.67 11.41
N ILE A 15 21.56 -4.74 11.73
CA ILE A 15 21.57 -5.28 13.09
C ILE A 15 22.01 -4.25 14.11
N ALA A 16 23.03 -3.46 13.75
CA ALA A 16 23.54 -2.43 14.64
C ALA A 16 22.48 -1.37 14.91
N GLU A 17 21.84 -0.89 13.85
CA GLU A 17 20.82 0.15 13.94
C GLU A 17 19.56 -0.37 14.62
N CYS A 18 19.10 -1.53 14.18
CA CYS A 18 17.90 -2.13 14.74
C CYS A 18 18.05 -2.44 16.23
N TYR A 19 19.13 -3.14 16.54
CA TYR A 19 19.40 -3.51 17.92
C TYR A 19 19.59 -2.25 18.80
N GLN A 20 20.21 -1.22 18.26
CA GLN A 20 20.41 0.04 18.98
C GLN A 20 19.09 0.66 19.41
N GLU A 21 18.08 0.54 18.56
CA GLU A 21 16.78 1.11 18.84
C GLU A 21 15.97 0.30 19.84
N LEU A 22 16.25 -1.01 19.90
CA LEU A 22 15.54 -1.94 20.77
C LEU A 22 16.17 -2.01 22.13
N GLY A 23 17.14 -1.12 22.32
CA GLY A 23 17.79 -1.12 23.60
C GLY A 23 18.61 -2.31 23.64
N LYS A 24 19.09 -2.64 22.44
CA LYS A 24 19.93 -3.84 22.27
C LYS A 24 21.23 -3.59 21.60
N GLU A 25 22.19 -3.29 22.47
CA GLU A 25 23.55 -3.04 22.02
C GLU A 25 24.56 -4.17 22.29
N GLU A 26 24.43 -4.85 23.43
CA GLU A 26 25.37 -5.90 23.80
C GLU A 26 25.17 -7.20 23.03
N GLU A 27 23.97 -7.45 22.50
CA GLU A 27 23.71 -8.69 21.76
C GLU A 27 24.13 -8.64 20.29
N VAL A 28 24.60 -7.48 19.86
CA VAL A 28 25.02 -7.28 18.47
C VAL A 28 26.20 -8.15 18.08
N LYS A 29 27.21 -8.22 18.95
CA LYS A 29 28.40 -9.01 18.71
C LYS A 29 28.12 -10.50 18.47
N ASP A 30 27.34 -11.10 19.38
CA ASP A 30 26.98 -12.52 19.31
C ASP A 30 25.96 -12.86 18.22
N ARG A 31 25.28 -11.84 17.69
CA ARG A 31 24.29 -12.06 16.64
C ARG A 31 24.95 -12.00 15.27
N LEU A 32 25.99 -11.17 15.12
CA LEU A 32 26.70 -11.02 13.86
C LEU A 32 27.60 -12.20 13.46
N ASP A 33 28.11 -12.94 14.45
CA ASP A 33 28.95 -14.11 14.20
C ASP A 33 28.06 -15.23 13.70
N SER A 34 26.87 -15.33 14.29
CA SER A 34 25.90 -16.35 13.93
C SER A 34 25.49 -16.11 12.48
N ILE A 35 25.34 -14.84 12.11
CA ILE A 35 24.95 -14.44 10.78
C ILE A 35 26.07 -14.68 9.76
N LYS A 36 27.31 -14.44 10.17
CA LYS A 36 28.47 -14.65 9.31
C LYS A 36 28.61 -16.13 8.95
N SER A 37 28.41 -17.01 9.93
CA SER A 37 28.50 -18.46 9.69
C SER A 37 27.30 -18.97 8.89
N GLU A 38 26.17 -18.30 9.02
CA GLU A 38 24.96 -18.70 8.31
C GLU A 38 25.07 -18.35 6.81
N ILE A 39 25.72 -17.22 6.52
CA ILE A 39 25.91 -16.78 5.14
C ILE A 39 26.92 -17.68 4.43
N ASP A 40 27.89 -18.20 5.17
CA ASP A 40 28.90 -19.07 4.59
C ASP A 40 28.35 -20.48 4.39
N ARG A 41 27.58 -20.95 5.36
CA ARG A 41 26.99 -22.28 5.33
C ARG A 41 25.93 -22.44 4.25
N THR A 42 24.96 -21.52 4.23
CA THR A 42 23.86 -21.58 3.26
C THR A 42 23.98 -20.58 2.10
N GLY A 43 24.23 -19.32 2.44
CA GLY A 43 24.34 -18.28 1.43
C GLY A 43 23.38 -17.15 1.71
N SER A 44 22.79 -17.20 2.90
CA SER A 44 21.82 -16.20 3.34
C SER A 44 21.60 -16.38 4.84
N TYR A 45 20.76 -15.52 5.44
CA TYR A 45 20.46 -15.64 6.86
C TYR A 45 18.99 -15.39 7.16
N VAL A 46 18.53 -15.96 8.26
CA VAL A 46 17.14 -15.85 8.66
C VAL A 46 16.93 -14.87 9.82
N HIS A 47 16.04 -13.89 9.61
CA HIS A 47 15.72 -12.90 10.63
C HIS A 47 14.96 -13.51 11.79
N THR A 48 15.09 -12.92 12.97
CA THR A 48 14.34 -13.38 14.14
C THR A 48 13.01 -12.65 14.05
N LYS A 49 12.03 -13.12 14.82
CA LYS A 49 10.70 -12.51 14.85
C LYS A 49 10.73 -11.07 15.34
N GLU A 50 11.78 -10.68 16.04
CA GLU A 50 11.90 -9.32 16.54
C GLU A 50 12.56 -8.41 15.50
N GLU A 51 13.52 -8.96 14.75
CA GLU A 51 14.23 -8.20 13.73
C GLU A 51 13.37 -7.76 12.54
N LEU A 52 12.67 -8.70 11.91
CA LEU A 52 11.85 -8.37 10.77
C LEU A 52 10.63 -7.55 11.15
N GLU A 53 10.14 -7.76 12.36
CA GLU A 53 9.01 -7.04 12.90
C GLU A 53 9.38 -5.57 13.00
N HIS A 54 10.51 -5.28 13.64
CA HIS A 54 10.95 -3.89 13.77
C HIS A 54 11.48 -3.41 12.42
N GLY A 55 12.05 -4.32 11.63
CA GLY A 55 12.55 -3.95 10.32
C GLY A 55 11.43 -3.43 9.43
N ALA A 56 10.26 -4.07 9.52
CA ALA A 56 9.10 -3.67 8.74
C ALA A 56 8.61 -2.28 9.18
N LYS A 57 8.75 -1.99 10.47
CA LYS A 57 8.36 -0.69 11.00
C LYS A 57 9.35 0.37 10.53
N MET A 58 10.64 0.05 10.58
CA MET A 58 11.68 0.99 10.15
C MET A 58 11.53 1.33 8.68
N ALA A 59 11.14 0.32 7.90
CA ALA A 59 10.94 0.49 6.47
C ALA A 59 9.81 1.49 6.21
N TRP A 60 8.74 1.40 7.00
CA TRP A 60 7.58 2.30 6.89
C TRP A 60 8.05 3.72 7.24
N ARG A 61 8.82 3.82 8.31
CA ARG A 61 9.36 5.10 8.79
C ARG A 61 10.21 5.80 7.72
N ASN A 62 10.90 5.01 6.91
CA ASN A 62 11.76 5.54 5.85
C ASN A 62 11.05 5.74 4.51
N SER A 63 9.75 5.43 4.46
CA SER A 63 8.98 5.59 3.22
C SER A 63 8.65 7.05 2.91
N ASN A 64 9.52 7.67 2.12
CA ASN A 64 9.42 9.07 1.71
C ASN A 64 8.07 9.55 1.16
N ARG A 65 7.37 8.65 0.47
CA ARG A 65 6.10 8.97 -0.14
C ARG A 65 4.87 8.80 0.74
N CYS A 66 5.06 8.33 1.98
CA CYS A 66 3.94 8.10 2.89
C CYS A 66 3.69 9.22 3.91
N ILE A 67 2.47 9.75 3.90
CA ILE A 67 2.07 10.82 4.83
C ILE A 67 1.62 10.24 6.19
N GLY A 68 1.30 8.95 6.22
CA GLY A 68 0.84 8.34 7.47
C GLY A 68 1.89 7.72 8.37
N ARG A 69 3.14 8.15 8.23
CA ARG A 69 4.26 7.61 9.02
C ARG A 69 4.28 7.84 10.52
N LEU A 70 3.38 8.68 11.04
CA LEU A 70 3.33 8.91 12.48
C LEU A 70 3.03 7.60 13.20
N PHE A 71 2.31 6.72 12.53
CA PHE A 71 1.90 5.45 13.13
C PHE A 71 2.82 4.28 12.88
N TRP A 72 4.05 4.54 12.45
CA TRP A 72 5.04 3.51 12.14
C TRP A 72 5.27 2.41 13.18
N ASN A 73 5.33 2.75 14.46
CA ASN A 73 5.59 1.74 15.49
C ASN A 73 4.39 0.91 15.91
N SER A 74 3.20 1.23 15.38
CA SER A 74 2.01 0.45 15.74
C SER A 74 1.63 -0.64 14.71
N LEU A 75 2.47 -0.79 13.68
CA LEU A 75 2.26 -1.76 12.61
C LEU A 75 2.10 -3.19 13.12
N ASN A 76 1.06 -3.87 12.66
CA ASN A 76 0.75 -5.25 13.05
C ASN A 76 1.52 -6.20 12.10
N VAL A 77 2.60 -6.79 12.58
CA VAL A 77 3.41 -7.69 11.77
C VAL A 77 3.02 -9.15 11.89
N ILE A 78 2.53 -9.70 10.78
CA ILE A 78 2.09 -11.08 10.73
C ILE A 78 3.20 -11.90 10.08
N ASP A 79 3.73 -12.86 10.81
CA ASP A 79 4.82 -13.70 10.30
C ASP A 79 4.31 -14.99 9.64
N ARG A 80 4.46 -15.06 8.32
CA ARG A 80 4.04 -16.21 7.53
C ARG A 80 5.19 -16.75 6.66
N ARG A 81 6.40 -16.74 7.22
CA ARG A 81 7.56 -17.24 6.50
C ARG A 81 7.53 -18.77 6.49
N ASP A 82 6.49 -19.36 7.06
CA ASP A 82 6.35 -20.80 7.13
C ASP A 82 5.43 -21.38 6.04
N VAL A 83 4.95 -20.53 5.13
CA VAL A 83 4.06 -21.00 4.06
C VAL A 83 4.85 -21.78 3.00
N ARG A 84 4.27 -22.90 2.56
CA ARG A 84 4.91 -23.75 1.56
C ARG A 84 4.04 -23.97 0.32
N THR A 85 2.72 -24.06 0.52
CA THR A 85 1.78 -24.31 -0.56
C THR A 85 0.97 -23.09 -1.00
N LYS A 86 0.28 -23.24 -2.14
CA LYS A 86 -0.55 -22.17 -2.67
C LYS A 86 -1.74 -21.91 -1.76
N GLU A 87 -2.21 -22.98 -1.10
CA GLU A 87 -3.32 -22.83 -0.18
C GLU A 87 -2.85 -22.04 1.05
N ASP A 88 -1.61 -22.27 1.49
CA ASP A 88 -1.07 -21.55 2.65
C ASP A 88 -1.08 -20.06 2.33
N VAL A 89 -0.64 -19.71 1.12
CA VAL A 89 -0.59 -18.32 0.69
C VAL A 89 -2.00 -17.75 0.60
N ARG A 90 -2.89 -18.46 -0.09
CA ARG A 90 -4.26 -18.02 -0.22
C ARG A 90 -4.90 -17.71 1.14
N ASP A 91 -4.76 -18.62 2.10
CA ASP A 91 -5.33 -18.40 3.44
C ASP A 91 -4.68 -17.24 4.19
N ALA A 92 -3.38 -17.08 4.00
CA ALA A 92 -2.64 -16.00 4.64
C ALA A 92 -3.13 -14.65 4.09
N LEU A 93 -3.37 -14.59 2.78
CA LEU A 93 -3.87 -13.38 2.11
C LEU A 93 -5.31 -13.10 2.57
N PHE A 94 -6.11 -14.16 2.66
CA PHE A 94 -7.48 -14.02 3.15
C PHE A 94 -7.44 -13.49 4.60
N HIS A 95 -6.53 -14.05 5.39
CA HIS A 95 -6.40 -13.65 6.78
C HIS A 95 -6.00 -12.20 6.89
N HIS A 96 -5.11 -11.76 6.00
CA HIS A 96 -4.64 -10.38 6.01
C HIS A 96 -5.80 -9.42 5.79
N ILE A 97 -6.62 -9.70 4.79
CA ILE A 97 -7.78 -8.87 4.48
C ILE A 97 -8.72 -8.80 5.68
N GLU A 98 -8.97 -9.95 6.29
CA GLU A 98 -9.87 -10.05 7.43
C GLU A 98 -9.39 -9.29 8.66
N THR A 99 -8.17 -9.58 9.10
CA THR A 99 -7.62 -8.94 10.29
C THR A 99 -7.30 -7.45 10.09
N ALA A 100 -6.94 -7.07 8.87
CA ALA A 100 -6.63 -5.68 8.57
C ALA A 100 -7.92 -4.85 8.52
N THR A 101 -8.97 -5.45 7.96
CA THR A 101 -10.27 -4.77 7.86
C THR A 101 -10.82 -4.58 9.27
N ASN A 102 -10.84 -5.65 10.06
CA ASN A 102 -11.30 -5.57 11.45
C ASN A 102 -12.66 -4.88 11.54
N ASN A 103 -13.59 -5.34 10.73
CA ASN A 103 -14.96 -4.81 10.69
C ASN A 103 -15.05 -3.28 10.52
N GLY A 104 -14.08 -2.70 9.80
CA GLY A 104 -14.09 -1.27 9.56
C GLY A 104 -12.99 -0.48 10.26
N LYS A 105 -12.69 -0.86 11.51
CA LYS A 105 -11.64 -0.20 12.29
C LYS A 105 -10.31 -0.75 11.80
N ILE A 106 -9.91 -0.28 10.63
CA ILE A 106 -8.70 -0.73 9.98
C ILE A 106 -7.43 -0.74 10.84
N ARG A 107 -6.73 -1.88 10.77
CA ARG A 107 -5.48 -2.04 11.50
C ARG A 107 -4.33 -2.07 10.50
N PRO A 108 -3.36 -1.17 10.68
CA PRO A 108 -2.20 -1.10 9.78
C PRO A 108 -1.45 -2.42 9.97
N SER A 109 -1.38 -3.24 8.92
CA SER A 109 -0.69 -4.53 9.04
C SER A 109 0.18 -4.85 7.83
N ILE A 110 0.97 -5.91 7.98
CA ILE A 110 1.84 -6.40 6.92
C ILE A 110 2.04 -7.89 7.17
N THR A 111 1.91 -8.69 6.12
CA THR A 111 2.12 -10.13 6.23
C THR A 111 3.47 -10.41 5.56
N ILE A 112 4.39 -11.05 6.27
CA ILE A 112 5.70 -11.33 5.71
C ILE A 112 5.73 -12.75 5.14
N PHE A 113 6.08 -12.88 3.87
CA PHE A 113 6.20 -14.21 3.28
C PHE A 113 7.66 -14.58 3.16
N PRO A 114 7.97 -15.82 2.75
CA PRO A 114 9.38 -16.18 2.63
C PRO A 114 10.08 -15.26 1.64
N PRO A 115 11.30 -14.81 1.97
CA PRO A 115 12.05 -13.91 1.07
C PRO A 115 12.72 -14.70 -0.05
N GLU A 116 13.44 -13.98 -0.91
CA GLU A 116 14.18 -14.59 -2.01
C GLU A 116 15.42 -15.28 -1.43
N GLU A 117 15.82 -16.41 -2.02
CA GLU A 117 17.02 -17.11 -1.55
C GLU A 117 18.24 -16.78 -2.40
N LYS A 118 18.41 -17.46 -3.53
CA LYS A 118 19.56 -17.19 -4.40
C LYS A 118 19.09 -16.31 -5.54
N GLY A 119 18.38 -15.24 -5.19
CA GLY A 119 17.85 -14.30 -6.17
C GLY A 119 16.51 -14.74 -6.77
N GLU A 120 16.07 -15.95 -6.45
CA GLU A 120 14.80 -16.46 -6.96
C GLU A 120 13.68 -16.37 -5.91
N LYS A 121 12.51 -15.91 -6.33
CA LYS A 121 11.35 -15.74 -5.45
C LYS A 121 10.68 -17.05 -5.01
N GLN A 122 10.17 -17.06 -3.78
CA GLN A 122 9.48 -18.23 -3.25
C GLN A 122 7.99 -18.07 -3.56
N VAL A 123 7.49 -16.86 -3.33
CA VAL A 123 6.10 -16.52 -3.58
C VAL A 123 6.12 -15.21 -4.38
N GLU A 124 5.38 -15.16 -5.47
CA GLU A 124 5.30 -13.97 -6.30
C GLU A 124 3.85 -13.51 -6.44
N ILE A 125 3.54 -12.35 -5.86
CA ILE A 125 2.18 -11.79 -5.91
C ILE A 125 2.06 -10.85 -7.09
N TRP A 126 1.05 -11.11 -7.92
CA TRP A 126 0.80 -10.33 -9.13
C TRP A 126 -0.06 -9.10 -8.91
N ASN A 127 -0.97 -9.19 -7.94
CA ASN A 127 -1.87 -8.09 -7.64
C ASN A 127 -1.10 -6.85 -7.20
N HIS A 128 -1.57 -5.68 -7.61
CA HIS A 128 -0.92 -4.44 -7.20
C HIS A 128 -1.39 -4.23 -5.76
N GLN A 129 -2.69 -4.40 -5.56
CA GLN A 129 -3.34 -4.33 -4.25
C GLN A 129 -4.19 -5.59 -4.17
N LEU A 130 -4.30 -6.19 -2.99
CA LEU A 130 -5.11 -7.41 -2.80
C LEU A 130 -6.55 -7.25 -3.26
N ILE A 131 -7.11 -6.09 -2.97
CA ILE A 131 -8.46 -5.80 -3.38
C ILE A 131 -8.30 -4.66 -4.39
N ARG A 132 -8.88 -4.81 -5.57
CA ARG A 132 -8.76 -3.80 -6.61
C ARG A 132 -9.76 -4.14 -7.73
N TYR A 133 -10.26 -3.12 -8.41
CA TYR A 133 -11.21 -3.31 -9.48
C TYR A 133 -10.54 -3.53 -10.83
N ALA A 134 -11.17 -4.34 -11.67
CA ALA A 134 -10.68 -4.64 -13.03
C ALA A 134 -10.93 -3.48 -13.99
N GLY A 135 -10.23 -3.51 -15.14
CA GLY A 135 -10.39 -2.51 -16.19
C GLY A 135 -10.39 -3.15 -17.58
N TYR A 136 -11.25 -2.66 -18.51
CA TYR A 136 -11.40 -3.21 -19.86
C TYR A 136 -11.51 -2.13 -20.97
N GLU A 137 -11.48 -2.53 -22.25
CA GLU A 137 -11.60 -1.59 -23.40
C GLU A 137 -12.39 -1.94 -24.70
N GLY A 140 -13.01 -0.88 -25.25
CA GLY A 140 -13.83 -0.85 -26.47
C GLY A 140 -14.11 0.64 -26.39
N GLU A 141 -14.61 0.96 -25.20
CA GLU A 141 -14.89 2.27 -24.63
C GLU A 141 -14.52 1.89 -23.18
N ARG A 142 -14.10 2.85 -22.36
CA ARG A 142 -13.68 2.51 -21.01
C ARG A 142 -14.66 1.88 -20.00
N ILE A 143 -14.26 0.73 -19.46
CA ILE A 143 -15.05 0.02 -18.45
C ILE A 143 -14.12 -0.32 -17.28
N GLY A 144 -14.56 -0.02 -16.07
CA GLY A 144 -13.77 -0.31 -14.88
C GLY A 144 -12.63 0.67 -14.65
N ASP A 145 -11.57 0.20 -13.99
CA ASP A 145 -10.39 1.01 -13.68
C ASP A 145 -9.30 0.80 -14.73
N PRO A 146 -8.97 1.86 -15.50
CA PRO A 146 -7.94 1.76 -16.54
C PRO A 146 -6.58 1.32 -16.03
N ALA A 147 -6.24 1.71 -14.80
CA ALA A 147 -4.96 1.34 -14.18
C ALA A 147 -4.82 -0.18 -14.01
N SER A 148 -5.92 -0.91 -14.07
CA SER A 148 -5.93 -2.36 -13.91
C SER A 148 -5.97 -3.17 -15.20
N ARG A 149 -6.02 -2.47 -16.34
CA ARG A 149 -6.08 -3.14 -17.64
C ARG A 149 -5.10 -4.27 -17.92
N SER A 150 -3.80 -4.00 -17.82
CA SER A 150 -2.81 -5.04 -18.10
C SER A 150 -2.94 -6.28 -17.19
N LEU A 151 -3.19 -6.07 -15.91
CA LEU A 151 -3.35 -7.19 -14.98
C LEU A 151 -4.65 -7.94 -15.27
N THR A 152 -5.70 -7.21 -15.69
CA THR A 152 -6.99 -7.82 -16.00
C THR A 152 -6.83 -8.78 -17.18
N ALA A 153 -6.10 -8.31 -18.19
CA ALA A 153 -5.82 -9.08 -19.39
C ALA A 153 -5.04 -10.34 -19.02
N ALA A 154 -4.09 -10.21 -18.10
CA ALA A 154 -3.27 -11.34 -17.66
C ALA A 154 -4.14 -12.35 -16.93
N CYS A 155 -5.04 -11.86 -16.06
CA CYS A 155 -5.95 -12.73 -15.32
C CYS A 155 -6.87 -13.48 -16.30
N GLU A 156 -7.37 -12.78 -17.30
CA GLU A 156 -8.23 -13.36 -18.32
C GLU A 156 -7.54 -14.40 -19.18
N GLN A 157 -6.21 -14.35 -19.24
CA GLN A 157 -5.42 -15.30 -20.02
C GLN A 157 -5.17 -16.57 -19.19
N LEU A 158 -5.74 -16.57 -17.98
CA LEU A 158 -5.59 -17.69 -17.06
C LEU A 158 -6.91 -18.37 -16.74
N GLY A 159 -7.97 -17.98 -17.43
CA GLY A 159 -9.26 -18.61 -17.20
C GLY A 159 -10.27 -17.78 -16.45
N TRP A 160 -9.83 -16.66 -15.90
CA TRP A 160 -10.74 -15.80 -15.15
C TRP A 160 -11.54 -14.91 -16.12
N ARG A 161 -12.77 -14.59 -15.75
CA ARG A 161 -13.61 -13.72 -16.58
C ARG A 161 -14.38 -12.77 -15.67
N GLY A 162 -14.34 -11.48 -15.98
CA GLY A 162 -15.04 -10.49 -15.18
C GLY A 162 -16.38 -10.17 -15.80
N GLU A 163 -17.32 -9.72 -14.97
CA GLU A 163 -18.66 -9.39 -15.42
C GLU A 163 -18.71 -8.10 -16.23
N ARG A 164 -17.57 -7.43 -16.32
CA ARG A 164 -17.45 -6.19 -17.05
C ARG A 164 -18.30 -5.02 -16.58
N THR A 165 -18.39 -4.89 -15.26
CA THR A 165 -19.09 -3.78 -14.64
C THR A 165 -17.93 -2.83 -14.30
N ASP A 166 -18.23 -1.63 -13.81
CA ASP A 166 -17.14 -0.71 -13.46
C ASP A 166 -16.41 -1.10 -12.18
N PHE A 167 -16.99 -2.01 -11.41
CA PHE A 167 -16.41 -2.42 -10.15
C PHE A 167 -16.31 -3.93 -9.96
N ASP A 168 -15.55 -4.59 -10.84
CA ASP A 168 -15.36 -6.04 -10.73
C ASP A 168 -14.15 -6.26 -9.84
N LEU A 169 -14.28 -7.13 -8.85
CA LEU A 169 -13.16 -7.44 -7.98
C LEU A 169 -12.19 -8.38 -8.67
N LEU A 170 -10.93 -7.98 -8.79
CA LEU A 170 -9.91 -8.83 -9.40
C LEU A 170 -9.68 -9.98 -8.44
N PRO A 171 -9.31 -11.16 -8.96
CA PRO A 171 -9.08 -12.27 -8.03
C PRO A 171 -7.64 -12.19 -7.51
N LEU A 172 -7.34 -12.92 -6.45
CA LEU A 172 -5.98 -12.97 -5.96
C LEU A 172 -5.22 -13.82 -6.97
N ILE A 173 -4.06 -13.35 -7.41
CA ILE A 173 -3.26 -14.08 -8.38
C ILE A 173 -1.80 -14.03 -8.01
N PHE A 174 -1.22 -15.20 -7.76
CA PHE A 174 0.18 -15.32 -7.34
C PHE A 174 0.78 -16.62 -7.87
N ARG A 175 2.11 -16.65 -7.94
CA ARG A 175 2.85 -17.81 -8.43
C ARG A 175 3.79 -18.36 -7.36
N MET A 176 3.84 -19.68 -7.26
CA MET A 176 4.70 -20.36 -6.29
C MET A 176 6.01 -20.77 -6.99
N ARG A 177 7.08 -20.94 -6.21
CA ARG A 177 8.36 -21.36 -6.77
C ARG A 177 8.18 -22.74 -7.38
N GLY A 178 8.74 -22.92 -8.58
CA GLY A 178 8.64 -24.19 -9.29
C GLY A 178 7.54 -24.21 -10.34
N ASP A 179 6.61 -23.26 -10.27
CA ASP A 179 5.51 -23.19 -11.23
C ASP A 179 5.78 -22.15 -12.32
N GLU A 180 5.39 -22.48 -13.56
CA GLU A 180 5.59 -21.57 -14.67
C GLU A 180 4.53 -20.47 -14.70
N GLN A 181 3.28 -20.85 -14.46
CA GLN A 181 2.19 -19.89 -14.46
C GLN A 181 1.53 -19.74 -13.09
N PRO A 182 0.99 -18.55 -12.79
CA PRO A 182 0.35 -18.28 -11.49
C PRO A 182 -1.04 -18.90 -11.34
N VAL A 183 -1.48 -19.01 -10.09
CA VAL A 183 -2.81 -19.54 -9.79
C VAL A 183 -3.67 -18.37 -9.36
N TRP A 184 -4.99 -18.55 -9.37
CA TRP A 184 -5.89 -17.46 -8.97
C TRP A 184 -7.06 -17.95 -8.15
N TYR A 185 -7.53 -17.06 -7.28
CA TYR A 185 -8.66 -17.34 -6.41
C TYR A 185 -9.58 -16.13 -6.32
N GLU A 186 -10.86 -16.34 -6.57
CA GLU A 186 -11.85 -15.28 -6.49
C GLU A 186 -11.96 -14.90 -5.00
N LEU A 187 -12.10 -13.60 -4.73
CA LEU A 187 -12.23 -13.11 -3.36
C LEU A 187 -13.63 -13.34 -2.80
N PRO A 188 -13.71 -13.83 -1.55
CA PRO A 188 -15.02 -14.07 -0.93
C PRO A 188 -15.58 -12.68 -0.63
N ARG A 189 -16.78 -12.40 -1.13
CA ARG A 189 -17.40 -11.11 -0.94
C ARG A 189 -17.61 -10.73 0.52
N SER A 190 -17.83 -11.73 1.37
CA SER A 190 -18.03 -11.51 2.80
C SER A 190 -16.76 -10.93 3.46
N LEU A 191 -15.63 -11.06 2.78
CA LEU A 191 -14.34 -10.60 3.26
C LEU A 191 -13.98 -9.18 2.81
N VAL A 192 -14.66 -8.70 1.77
CA VAL A 192 -14.37 -7.39 1.23
C VAL A 192 -15.44 -6.34 1.52
N ILE A 193 -15.04 -5.30 2.24
CA ILE A 193 -15.96 -4.21 2.55
C ILE A 193 -15.89 -3.17 1.43
N GLU A 194 -17.05 -2.73 0.96
CA GLU A 194 -17.12 -1.74 -0.08
C GLU A 194 -18.02 -0.66 0.44
N VAL A 195 -17.73 0.59 0.07
CA VAL A 195 -18.52 1.73 0.52
C VAL A 195 -19.18 2.49 -0.62
N PRO A 196 -20.53 2.52 -0.63
CA PRO A 196 -21.23 3.25 -1.68
C PRO A 196 -21.07 4.74 -1.37
N ILE A 197 -20.75 5.54 -2.39
CA ILE A 197 -20.54 6.97 -2.17
C ILE A 197 -21.83 7.80 -2.24
N THR A 198 -22.13 8.51 -1.16
CA THR A 198 -23.31 9.39 -1.07
C THR A 198 -22.86 10.71 -0.45
N HIS A 199 -23.68 11.74 -0.63
CA HIS A 199 -23.35 13.09 -0.13
C HIS A 199 -24.27 13.43 1.04
N PRO A 200 -23.74 14.13 2.06
CA PRO A 200 -24.55 14.49 3.23
C PRO A 200 -25.70 15.47 2.95
N ASP A 201 -25.53 16.37 1.99
CA ASP A 201 -26.56 17.36 1.66
C ASP A 201 -27.23 17.17 0.30
N ILE A 202 -26.52 16.55 -0.65
CA ILE A 202 -27.05 16.34 -2.00
C ILE A 202 -27.52 14.92 -2.22
N GLU A 203 -28.83 14.74 -2.27
CA GLU A 203 -29.46 13.44 -2.45
C GLU A 203 -29.20 12.79 -3.80
N ALA A 204 -29.12 13.61 -4.85
CA ALA A 204 -28.91 13.11 -6.20
C ALA A 204 -27.54 12.46 -6.44
N PHE A 205 -26.64 12.64 -5.48
CA PHE A 205 -25.28 12.11 -5.60
C PHE A 205 -25.24 10.59 -5.77
N SER A 206 -26.22 9.89 -5.19
CA SER A 206 -26.31 8.43 -5.30
C SER A 206 -26.64 7.98 -6.73
N ASP A 207 -27.11 8.89 -7.57
CA ASP A 207 -27.43 8.58 -8.95
C ASP A 207 -26.16 8.22 -9.73
N LEU A 208 -25.02 8.66 -9.22
CA LEU A 208 -23.74 8.37 -9.88
C LEU A 208 -23.36 6.90 -9.66
N GLU A 209 -23.97 6.29 -8.63
CA GLU A 209 -23.74 4.89 -8.29
C GLU A 209 -22.27 4.57 -8.10
N LEU A 210 -21.54 5.48 -7.46
CA LEU A 210 -20.12 5.29 -7.21
C LEU A 210 -19.94 4.54 -5.90
N LYS A 211 -18.83 3.81 -5.82
CA LYS A 211 -18.48 3.10 -4.61
C LYS A 211 -17.00 2.83 -4.70
N TRP A 212 -16.39 2.49 -3.57
CA TRP A 212 -14.98 2.15 -3.54
C TRP A 212 -14.83 1.13 -2.43
N TYR A 213 -13.70 0.43 -2.41
CA TYR A 213 -13.44 -0.59 -1.41
C TYR A 213 -12.83 0.04 -0.17
N GLY A 214 -13.08 -0.58 0.97
CA GLY A 214 -12.58 -0.03 2.20
C GLY A 214 -11.10 -0.07 2.51
N VAL A 215 -10.40 -1.12 2.12
CA VAL A 215 -8.99 -1.23 2.49
C VAL A 215 -7.94 -1.41 1.38
N PRO A 216 -6.99 -0.45 1.25
CA PRO A 216 -5.92 -0.47 0.25
C PRO A 216 -4.77 -1.34 0.77
N ILE A 217 -4.48 -2.44 0.08
CA ILE A 217 -3.41 -3.34 0.52
C ILE A 217 -2.40 -3.56 -0.59
N ILE A 218 -1.36 -2.71 -0.61
CA ILE A 218 -0.31 -2.81 -1.61
C ILE A 218 0.39 -4.15 -1.46
N SER A 219 0.34 -4.95 -2.52
CA SER A 219 0.90 -6.28 -2.49
C SER A 219 1.99 -6.57 -3.49
N ASP A 220 2.44 -5.56 -4.23
CA ASP A 220 3.50 -5.78 -5.22
C ASP A 220 4.82 -5.08 -4.95
N MET A 221 5.01 -4.60 -3.73
CA MET A 221 6.27 -3.93 -3.37
C MET A 221 7.23 -4.85 -2.63
N LYS A 222 8.52 -4.61 -2.84
CA LYS A 222 9.55 -5.39 -2.20
C LYS A 222 10.00 -4.73 -0.90
N LEU A 223 10.00 -5.51 0.16
CA LEU A 223 10.43 -5.06 1.48
C LEU A 223 11.89 -5.48 1.64
N GLU A 224 12.79 -4.50 1.79
CA GLU A 224 14.21 -4.82 1.95
C GLU A 224 14.68 -4.57 3.38
N VAL A 225 15.09 -5.64 4.08
CA VAL A 225 15.56 -5.52 5.45
C VAL A 225 16.88 -6.27 5.62
N GLY A 226 17.95 -5.51 5.88
CA GLY A 226 19.29 -6.06 6.07
C GLY A 226 19.81 -6.97 4.97
N GLY A 227 19.63 -6.56 3.72
CA GLY A 227 20.09 -7.37 2.60
C GLY A 227 19.14 -8.48 2.18
N ILE A 228 18.11 -8.71 3.00
CA ILE A 228 17.12 -9.75 2.70
C ILE A 228 15.97 -9.12 1.93
N HIS A 229 15.66 -9.71 0.77
CA HIS A 229 14.61 -9.20 -0.09
C HIS A 229 13.27 -9.92 0.03
N TYR A 230 12.31 -9.26 0.68
CA TYR A 230 10.97 -9.83 0.83
C TYR A 230 10.11 -9.28 -0.30
N ASN A 231 10.21 -9.92 -1.46
CA ASN A 231 9.45 -9.50 -2.64
C ASN A 231 7.94 -9.62 -2.42
N ALA A 232 7.55 -10.48 -1.49
CA ALA A 232 6.14 -10.72 -1.16
C ALA A 232 5.86 -10.37 0.29
N ALA A 233 5.35 -9.16 0.51
CA ALA A 233 5.04 -8.68 1.85
C ALA A 233 4.01 -7.56 1.78
N PRO A 234 2.74 -7.92 1.57
CA PRO A 234 1.57 -7.05 1.46
C PRO A 234 1.40 -6.23 2.73
N PHE A 235 1.10 -4.95 2.58
CA PHE A 235 0.89 -4.08 3.73
C PHE A 235 -0.33 -3.18 3.49
N ASN A 236 -0.86 -2.60 4.55
CA ASN A 236 -2.00 -1.72 4.43
C ASN A 236 -2.07 -0.71 5.55
N GLY A 237 -2.70 0.40 5.22
CA GLY A 237 -2.97 1.46 6.17
C GLY A 237 -4.46 1.67 5.90
N TRP A 238 -4.95 2.87 6.16
CA TRP A 238 -6.33 3.18 5.84
C TRP A 238 -6.21 4.28 4.80
N TYR A 239 -7.27 4.51 4.05
CA TYR A 239 -7.28 5.53 3.01
C TYR A 239 -7.29 6.98 3.50
N MET A 240 -6.71 7.85 2.69
CA MET A 240 -6.76 9.30 2.93
C MET A 240 -7.79 9.63 1.86
N GLY A 241 -8.86 10.33 2.23
CA GLY A 241 -9.93 10.65 1.29
C GLY A 241 -9.52 11.05 -0.11
N THR A 242 -8.50 11.90 -0.20
CA THR A 242 -8.02 12.41 -1.49
C THR A 242 -7.59 11.35 -2.52
N GLU A 243 -7.14 10.19 -2.04
CA GLU A 243 -6.71 9.13 -2.94
C GLU A 243 -7.88 8.62 -3.78
N ILE A 244 -9.07 8.65 -3.20
CA ILE A 244 -10.26 8.18 -3.88
C ILE A 244 -11.00 9.28 -4.66
N GLY A 245 -11.32 10.39 -3.99
CA GLY A 245 -12.08 11.44 -4.64
C GLY A 245 -11.36 12.44 -5.50
N ALA A 246 -10.05 12.48 -5.37
CA ALA A 246 -9.25 13.42 -6.14
C ALA A 246 -8.35 12.74 -7.15
N ARG A 247 -8.22 11.43 -7.05
CA ARG A 247 -7.40 10.69 -7.99
C ARG A 247 -8.16 9.50 -8.60
N ASN A 248 -8.41 8.46 -7.81
CA ASN A 248 -9.10 7.26 -8.31
C ASN A 248 -10.40 7.55 -9.08
N LEU A 249 -11.22 8.44 -8.55
CA LEU A 249 -12.47 8.79 -9.21
C LEU A 249 -12.40 10.07 -10.04
N ALA A 250 -11.29 10.82 -9.95
CA ALA A 250 -11.17 12.09 -10.66
C ALA A 250 -10.29 12.17 -11.91
N ASP A 251 -9.12 11.52 -11.88
CA ASP A 251 -8.19 11.55 -13.02
C ASP A 251 -8.87 11.17 -14.32
N GLU A 252 -8.47 11.85 -15.41
CA GLU A 252 -9.04 11.57 -16.71
C GLU A 252 -8.67 10.15 -17.12
N LYS A 253 -7.50 9.69 -16.69
CA LYS A 253 -7.01 8.35 -17.00
C LYS A 253 -7.54 7.27 -16.06
N ARG A 254 -8.33 7.67 -15.06
CA ARG A 254 -8.94 6.71 -14.14
C ARG A 254 -10.45 6.74 -14.39
N TYR A 255 -11.26 6.90 -13.34
CA TYR A 255 -12.71 6.92 -13.52
C TYR A 255 -13.28 8.18 -14.17
N ASP A 256 -12.49 9.25 -14.18
CA ASP A 256 -12.89 10.52 -14.82
C ASP A 256 -14.34 10.92 -14.53
N LYS A 257 -14.68 11.17 -13.26
CA LYS A 257 -16.07 11.50 -12.89
C LYS A 257 -16.42 12.97 -12.61
N LEU A 258 -15.45 13.87 -12.74
CA LEU A 258 -15.72 15.28 -12.43
C LEU A 258 -16.88 15.93 -13.18
N LYS A 259 -17.00 15.66 -14.48
CA LYS A 259 -18.09 16.22 -15.26
C LYS A 259 -19.46 15.71 -14.77
N LYS A 260 -19.53 14.41 -14.47
CA LYS A 260 -20.77 13.81 -13.95
C LYS A 260 -21.06 14.31 -12.54
N VAL A 261 -20.01 14.59 -11.76
CA VAL A 261 -20.20 15.13 -10.41
C VAL A 261 -20.81 16.53 -10.53
N ALA A 262 -20.23 17.34 -11.41
CA ALA A 262 -20.72 18.70 -11.64
C ALA A 262 -22.21 18.68 -12.00
N SER A 263 -22.62 17.68 -12.77
CA SER A 263 -24.01 17.57 -13.18
C SER A 263 -25.00 17.35 -12.02
N VAL A 264 -24.71 16.39 -11.14
CA VAL A 264 -25.60 16.10 -10.01
C VAL A 264 -25.59 17.15 -8.92
N ILE A 265 -24.50 17.90 -8.76
CA ILE A 265 -24.44 18.94 -7.75
C ILE A 265 -25.06 20.24 -8.30
N GLY A 266 -25.43 20.21 -9.57
CA GLY A 266 -26.09 21.36 -10.18
C GLY A 266 -25.28 22.52 -10.71
N ILE A 267 -24.04 22.28 -11.10
CA ILE A 267 -23.25 23.37 -11.66
C ILE A 267 -22.89 23.09 -13.12
N SER A 268 -22.62 24.15 -13.88
CA SER A 268 -22.26 24.07 -15.29
C SER A 268 -20.78 23.73 -15.48
N THR A 269 -20.49 23.03 -16.57
CA THR A 269 -19.11 22.68 -16.92
C THR A 269 -18.63 23.56 -18.08
N ASN A 270 -19.39 24.61 -18.37
CA ASN A 270 -19.06 25.53 -19.47
C ASN A 270 -17.76 26.33 -19.38
N TYR A 271 -17.51 26.92 -18.21
CA TYR A 271 -16.35 27.80 -18.06
C TYR A 271 -15.35 27.48 -16.95
N ASN A 272 -14.07 27.38 -17.32
CA ASN A 272 -13.00 27.12 -16.35
C ASN A 272 -13.01 28.21 -15.27
N THR A 273 -13.40 29.44 -15.65
CA THR A 273 -13.42 30.54 -14.69
C THR A 273 -14.43 30.37 -13.56
N ASP A 274 -15.38 29.45 -13.75
CA ASP A 274 -16.36 29.15 -12.71
C ASP A 274 -15.75 28.17 -11.72
N LEU A 275 -14.62 27.59 -12.10
CA LEU A 275 -13.89 26.62 -11.28
C LEU A 275 -14.79 25.44 -10.92
N TRP A 276 -15.48 24.89 -11.94
CA TRP A 276 -16.38 23.76 -11.72
C TRP A 276 -15.66 22.47 -11.32
N LYS A 277 -14.45 22.27 -11.85
CA LYS A 277 -13.65 21.08 -11.52
C LYS A 277 -13.28 21.12 -10.03
N ASP A 278 -12.89 22.29 -9.55
CA ASP A 278 -12.50 22.48 -8.15
C ASP A 278 -13.71 22.27 -7.24
N GLN A 279 -14.87 22.79 -7.63
CA GLN A 279 -16.08 22.64 -6.81
C GLN A 279 -16.55 21.19 -6.81
N ALA A 280 -16.39 20.54 -7.96
CA ALA A 280 -16.78 19.14 -8.11
C ALA A 280 -15.88 18.31 -7.22
N LEU A 281 -14.58 18.63 -7.21
CA LEU A 281 -13.60 17.92 -6.39
C LEU A 281 -13.89 18.02 -4.90
N VAL A 282 -14.24 19.22 -4.45
CA VAL A 282 -14.59 19.44 -3.05
C VAL A 282 -15.80 18.59 -2.67
N GLU A 283 -16.88 18.68 -3.44
CA GLU A 283 -18.09 17.90 -3.14
C GLU A 283 -17.89 16.38 -3.24
N LEU A 284 -17.09 15.93 -4.21
CA LEU A 284 -16.83 14.50 -4.34
C LEU A 284 -15.99 14.00 -3.18
N ASN A 285 -15.03 14.83 -2.77
CA ASN A 285 -14.16 14.47 -1.64
C ASN A 285 -14.91 14.50 -0.32
N LYS A 286 -15.85 15.43 -0.19
CA LYS A 286 -16.67 15.51 1.02
C LYS A 286 -17.52 14.25 1.07
N ALA A 287 -18.05 13.84 -0.09
CA ALA A 287 -18.88 12.65 -0.20
C ALA A 287 -18.13 11.38 0.25
N VAL A 288 -16.87 11.25 -0.17
CA VAL A 288 -16.04 10.11 0.19
C VAL A 288 -15.83 10.01 1.71
N LEU A 289 -15.42 11.10 2.34
CA LEU A 289 -15.18 11.10 3.78
C LEU A 289 -16.44 10.77 4.57
N TYR A 290 -17.55 11.40 4.17
CA TYR A 290 -18.85 11.17 4.80
C TYR A 290 -19.31 9.72 4.64
N SER A 291 -19.11 9.15 3.45
CA SER A 291 -19.52 7.77 3.19
C SER A 291 -18.77 6.73 4.03
N TYR A 292 -17.44 6.85 4.08
CA TYR A 292 -16.64 5.88 4.84
C TYR A 292 -16.99 5.95 6.32
N LYS A 293 -17.09 7.17 6.84
CA LYS A 293 -17.43 7.41 8.23
C LYS A 293 -18.80 6.80 8.55
N LYS A 294 -19.74 7.00 7.64
CA LYS A 294 -21.10 6.51 7.79
C LYS A 294 -21.14 4.98 7.88
N GLN A 295 -20.33 4.31 7.07
CA GLN A 295 -20.30 2.85 7.11
C GLN A 295 -19.37 2.26 8.17
N GLY A 296 -18.77 3.12 8.98
CA GLY A 296 -17.86 2.65 10.02
C GLY A 296 -16.48 2.20 9.55
N VAL A 297 -16.04 2.68 8.39
CA VAL A 297 -14.73 2.31 7.85
C VAL A 297 -13.75 3.47 8.03
N SER A 298 -12.60 3.18 8.63
CA SER A 298 -11.56 4.17 8.86
C SER A 298 -11.14 4.89 7.59
N ILE A 299 -10.92 6.19 7.73
CA ILE A 299 -10.48 7.06 6.64
C ILE A 299 -10.02 8.36 7.27
N VAL A 300 -9.08 9.03 6.63
CA VAL A 300 -8.60 10.29 7.16
C VAL A 300 -8.61 11.38 6.08
N ASP A 301 -8.96 12.60 6.48
CA ASP A 301 -8.96 13.71 5.54
C ASP A 301 -7.52 14.21 5.44
N HIS A 302 -7.20 14.89 4.34
CA HIS A 302 -5.84 15.38 4.15
C HIS A 302 -5.32 16.42 5.17
N HIS A 303 -6.20 17.22 5.76
CA HIS A 303 -5.75 18.19 6.77
C HIS A 303 -5.30 17.45 8.04
N THR A 304 -6.11 16.50 8.49
CA THR A 304 -5.78 15.71 9.68
C THR A 304 -4.52 14.90 9.41
N ALA A 305 -4.41 14.34 8.21
CA ALA A 305 -3.25 13.55 7.83
C ALA A 305 -1.98 14.39 7.86
N ALA A 306 -2.03 15.59 7.30
CA ALA A 306 -0.86 16.48 7.29
C ALA A 306 -0.50 16.91 8.72
N SER A 307 -1.52 17.10 9.55
CA SER A 307 -1.31 17.48 10.93
C SER A 307 -0.61 16.35 11.68
N GLN A 308 -1.03 15.11 11.41
CA GLN A 308 -0.40 13.94 12.02
C GLN A 308 1.04 13.82 11.54
N PHE A 309 1.25 14.08 10.26
CA PHE A 309 2.58 14.02 9.66
C PHE A 309 3.52 15.10 10.23
N LYS A 310 2.97 16.25 10.60
CA LYS A 310 3.78 17.31 11.19
C LYS A 310 4.33 16.80 12.52
N ARG A 311 3.45 16.12 13.27
CA ARG A 311 3.81 15.55 14.56
C ARG A 311 4.90 14.49 14.36
N PHE A 312 4.87 13.80 13.21
CA PHE A 312 5.89 12.79 12.91
C PHE A 312 7.25 13.46 12.73
N GLU A 313 7.26 14.61 12.05
CA GLU A 313 8.48 15.37 11.79
C GLU A 313 9.13 15.80 13.11
N GLU A 314 8.30 16.22 14.05
CA GLU A 314 8.77 16.65 15.36
C GLU A 314 9.39 15.49 16.12
N GLN A 315 8.70 14.35 16.13
CA GLN A 315 9.19 13.16 16.81
C GLN A 315 10.53 12.70 16.25
N GLU A 316 10.67 12.74 14.92
CA GLU A 316 11.92 12.34 14.30
C GLU A 316 13.06 13.27 14.75
N GLU A 317 12.76 14.55 14.91
CA GLU A 317 13.77 15.50 15.35
C GLU A 317 14.12 15.26 16.82
N GLU A 318 13.14 14.83 17.60
CA GLU A 318 13.31 14.55 19.01
C GLU A 318 14.11 13.26 19.22
N ALA A 319 13.96 12.32 18.29
CA ALA A 319 14.65 11.03 18.35
C ALA A 319 16.08 11.08 17.84
N GLY A 320 16.42 12.16 17.14
CA GLY A 320 17.77 12.33 16.61
C GLY A 320 17.92 11.83 15.18
N ARG A 321 16.81 11.41 14.58
CA ARG A 321 16.82 10.88 13.23
C ARG A 321 16.58 11.90 12.12
N LYS A 322 17.28 11.71 11.01
CA LYS A 322 17.15 12.57 9.83
C LYS A 322 15.82 12.22 9.16
N LEU A 323 15.08 13.25 8.78
CA LEU A 323 13.79 13.06 8.13
C LEU A 323 13.95 13.06 6.62
N THR A 324 13.33 12.09 5.96
CA THR A 324 13.38 11.99 4.51
C THR A 324 11.96 11.98 3.96
N GLY A 325 11.77 12.59 2.80
CA GLY A 325 10.45 12.62 2.21
C GLY A 325 10.45 13.12 0.78
N ASP A 326 9.38 12.77 0.05
CA ASP A 326 9.22 13.19 -1.34
C ASP A 326 8.07 14.19 -1.36
N TRP A 327 8.42 15.45 -1.45
CA TRP A 327 7.46 16.56 -1.48
C TRP A 327 6.34 16.36 -2.49
N THR A 328 6.70 15.93 -3.71
CA THR A 328 5.73 15.71 -4.80
C THR A 328 4.63 14.68 -4.51
N TRP A 329 4.89 13.77 -3.57
CA TRP A 329 3.90 12.75 -3.20
C TRP A 329 3.27 13.04 -1.85
N LEU A 330 4.00 13.77 -1.01
CA LEU A 330 3.50 14.10 0.33
C LEU A 330 2.38 15.12 0.31
N ILE A 331 2.48 16.08 -0.61
CA ILE A 331 1.45 17.10 -0.74
C ILE A 331 0.16 16.46 -1.26
N PRO A 332 -0.98 16.80 -0.66
CA PRO A 332 -2.25 16.22 -1.11
C PRO A 332 -2.66 16.85 -2.46
N PRO A 333 -3.34 16.08 -3.32
CA PRO A 333 -3.80 16.55 -4.64
C PRO A 333 -4.88 17.63 -4.56
N ILE A 334 -5.37 17.91 -3.35
CA ILE A 334 -6.38 18.95 -3.14
C ILE A 334 -5.94 19.87 -2.01
N SER A 335 -6.02 21.18 -2.25
CA SER A 335 -5.62 22.21 -1.29
C SER A 335 -4.24 21.94 -0.64
N PRO A 336 -3.21 21.63 -1.45
CA PRO A 336 -1.89 21.37 -0.88
C PRO A 336 -1.27 22.54 -0.12
N ALA A 337 -1.57 23.77 -0.53
CA ALA A 337 -1.02 24.95 0.13
C ALA A 337 -1.66 25.24 1.49
N ALA A 338 -2.74 24.52 1.79
CA ALA A 338 -3.41 24.67 3.07
C ALA A 338 -2.74 23.79 4.14
N THR A 339 -1.79 22.95 3.73
CA THR A 339 -1.08 22.06 4.67
C THR A 339 0.34 22.58 4.81
N HIS A 340 1.00 22.22 5.90
CA HIS A 340 2.36 22.67 6.17
C HIS A 340 3.37 22.05 5.23
N ILE A 341 3.06 20.87 4.74
CA ILE A 341 3.94 20.13 3.84
C ILE A 341 4.35 20.95 2.62
N PHE A 342 3.39 21.65 2.06
CA PHE A 342 3.62 22.49 0.88
C PHE A 342 4.68 23.58 1.15
N HIS A 343 4.62 24.14 2.35
CA HIS A 343 5.52 25.23 2.73
C HIS A 343 6.94 24.90 3.20
N ARG A 344 7.34 23.65 3.07
CA ARG A 344 8.71 23.27 3.43
C ARG A 344 9.32 22.30 2.40
N SER A 345 10.59 21.96 2.59
CA SER A 345 11.27 21.06 1.66
C SER A 345 11.67 19.77 2.38
N TYR A 346 11.77 18.69 1.62
CA TYR A 346 12.13 17.40 2.19
C TYR A 346 13.31 16.80 1.44
N ASP A 347 14.11 16.04 2.17
CA ASP A 347 15.25 15.35 1.58
C ASP A 347 14.76 14.00 1.03
N ASN A 348 14.77 13.85 -0.30
CA ASN A 348 14.31 12.61 -0.93
C ASN A 348 15.37 11.50 -1.02
N SER A 349 16.21 11.40 0.02
CA SER A 349 17.24 10.36 0.06
C SER A 349 16.62 9.02 0.44
N ILE A 350 17.14 7.95 -0.14
CA ILE A 350 16.64 6.61 0.15
C ILE A 350 17.46 6.00 1.29
N VAL A 351 16.76 5.64 2.36
CA VAL A 351 17.38 5.02 3.52
C VAL A 351 16.74 3.65 3.73
N LYS A 352 17.57 2.65 3.94
CA LYS A 352 17.10 1.28 4.15
C LYS A 352 17.05 0.99 5.65
N PRO A 353 16.16 0.09 6.11
CA PRO A 353 15.17 -0.67 5.31
C PRO A 353 14.08 0.19 4.69
N ASN A 354 13.44 -0.32 3.63
CA ASN A 354 12.40 0.45 2.95
C ASN A 354 11.60 -0.45 2.01
N TYR A 355 10.64 0.14 1.32
CA TYR A 355 9.82 -0.58 0.37
C TYR A 355 10.20 -0.09 -1.02
N PHE A 356 10.39 -1.02 -1.94
CA PHE A 356 10.80 -0.66 -3.29
C PHE A 356 9.88 -1.18 -4.37
N TYR A 357 9.97 -0.56 -5.53
CA TYR A 357 9.18 -0.99 -6.68
C TYR A 357 9.89 -2.18 -7.29
N GLN A 358 9.14 -3.06 -7.93
CA GLN A 358 9.73 -4.21 -8.60
C GLN A 358 9.03 -4.42 -9.92
N ASP A 359 9.72 -5.03 -10.87
CA ASP A 359 9.17 -5.27 -12.20
C ASP A 359 7.93 -6.16 -12.19
N LYS A 360 6.93 -5.76 -12.96
CA LYS A 360 5.69 -6.52 -13.06
C LYS A 360 5.87 -7.73 -13.98
N PRO A 361 5.55 -8.94 -13.46
CA PRO A 361 5.63 -10.22 -14.17
C PRO A 361 4.78 -10.24 -15.44
N TYR A 362 3.67 -9.50 -15.43
CA TYR A 362 2.81 -9.41 -16.61
C TYR A 362 3.32 -8.25 -17.49
N GLU A 363 2.52 -7.81 -18.46
CA GLU A 363 2.93 -6.73 -19.36
C GLU A 363 4.08 -7.16 -20.29
CHA HEM B . 2.27 6.00 0.20
CHB HEM B . -0.97 7.20 3.49
CHC HEM B . 0.17 3.26 6.03
CHD HEM B . 3.99 2.62 3.18
C1A HEM B . 1.21 6.64 0.81
C2A HEM B . 0.38 7.67 0.23
C3A HEM B . -0.50 8.04 1.21
C4A HEM B . -0.20 7.23 2.36
CMA HEM B . -1.57 9.09 1.09
CAA HEM B . 0.35 8.14 -1.21
CBA HEM B . -0.43 7.08 -1.98
CGA HEM B . -0.59 7.43 -3.45
O1A HEM B . -0.80 6.50 -4.28
O2A HEM B . -0.50 8.63 -3.79
C1B HEM B . -0.91 6.28 4.54
C2B HEM B . -1.81 6.26 5.66
C3B HEM B . -1.56 5.15 6.34
C4B HEM B . -0.46 4.46 5.65
CMB HEM B . -2.87 7.31 6.06
CAB HEM B . -2.27 4.80 7.49
CBB HEM B . -1.63 4.28 8.59
C1C HEM B . 1.29 2.67 5.47
C2C HEM B . 1.91 1.47 5.93
C3C HEM B . 3.06 1.32 5.21
C4C HEM B . 3.08 2.45 4.24
CMC HEM B . 1.27 0.55 6.97
CAC HEM B . 4.04 0.33 5.31
CBC HEM B . 4.24 -0.60 6.33
C1D HEM B . 3.92 3.53 2.13
C2D HEM B . 4.76 3.50 0.97
C3D HEM B . 4.22 4.39 0.12
C4D HEM B . 3.10 4.99 0.73
CMD HEM B . 5.99 2.61 0.72
CAD HEM B . 4.59 4.57 -1.35
CBD HEM B . 3.65 3.70 -2.20
CGD HEM B . 3.89 3.86 -3.69
O1D HEM B . 2.97 3.55 -4.46
O2D HEM B . 4.99 4.31 -4.09
NA HEM B . 0.82 6.39 2.09
NB HEM B . -0.08 5.20 4.55
NC HEM B . 2.01 3.23 4.43
ND HEM B . 2.94 4.45 1.97
FE HEM B . 1.41 4.81 3.23
N1 H2B C . 1.11 11.93 -5.25
C2 H2B C . 0.43 10.85 -4.90
N2 H2B C . -0.24 10.84 -3.74
N3 H2B C . 0.38 9.77 -5.69
C4 H2B C . 1.01 9.74 -6.86
O4 H2B C . 0.94 8.78 -7.63
C4A H2B C . 1.79 10.85 -7.26
C8A H2B C . 1.80 11.97 -6.40
N5 H2B C . 2.50 10.83 -8.39
N8 H2B C . 2.50 13.07 -6.72
C6 H2B C . 3.39 11.93 -8.67
C7 H2B C . 3.19 13.16 -7.92
C9 H2B C . 4.05 11.82 -10.03
O9 H2B C . 3.12 12.19 -11.05
C10 H2B C . 5.29 12.75 -10.13
C11 H2B C . 5.95 12.62 -11.50
O10 H2B C . 6.22 12.42 -9.10
N NO D . 0.31 3.58 2.39
O NO D . 0.63 2.62 1.83
N HAR E . -3.28 5.32 -3.77
CA HAR E . -3.77 3.96 -3.64
C HAR E . -5.25 3.72 -3.96
O HAR E . -5.65 2.54 -4.04
CB HAR E . -3.40 3.51 -2.23
CG HAR E . -1.91 3.44 -1.98
CD HAR E . -1.82 3.19 -0.49
NE HAR E . -2.44 4.07 0.49
CZ HAR E . -2.64 4.15 1.80
NH1 HAR E . -2.20 3.16 2.53
NH2 HAR E . -3.30 5.22 2.23
OH1 HAR E . -2.59 3.18 3.76
OXT HAR E . -5.98 4.71 -4.13
#